data_6JFN
#
_entry.id   6JFN
#
_cell.length_a   44.147
_cell.length_b   122.026
_cell.length_c   146.621
_cell.angle_alpha   90.000
_cell.angle_beta   90.000
_cell.angle_gamma   90.000
#
_symmetry.space_group_name_H-M   'C 2 2 21'
#
loop_
_entity.id
_entity.type
_entity.pdbx_description
1 polymer 'Peptide deformylase'
2 non-polymer 'NICKEL (II) ION'
3 non-polymer L-[(N-HYDROXYAMINO)CARBONYL]PHENYLALANINE
4 water water
#
_entity_poly.entity_id   1
_entity_poly.type   'polypeptide(L)'
_entity_poly.pdbx_seq_one_letter_code
;IREILKMGDERLLRIAQPVPSELLGSEELQRLIDDMFETMHHVGGVGLAAPQIGVDLQLVIFGFERSERYPDAPAVPPTI
LLNPRITPLDDEMEEGWEGCLSVPGLRGAVSRHRRIRYQGLDPQGQPIDRSVEGFHARVVQHECDHLIGRLYPSRITDFS
KFGFTEVLFPD
;
_entity_poly.pdbx_strand_id   A,B
#
# COMPACT_ATOMS: atom_id res chain seq x y z
N ILE A 1 2.58 -3.21 23.02
CA ILE A 1 3.94 -3.88 23.08
C ILE A 1 3.78 -5.29 23.63
N ARG A 2 4.38 -6.27 22.93
CA ARG A 2 4.26 -7.72 23.25
C ARG A 2 5.62 -8.40 23.16
N GLU A 3 5.72 -9.64 23.67
CA GLU A 3 7.00 -10.39 23.79
C GLU A 3 7.39 -10.94 22.42
N ILE A 4 8.56 -10.61 21.88
CA ILE A 4 8.98 -11.28 20.61
C ILE A 4 9.64 -12.60 20.96
N LEU A 5 9.06 -13.70 20.49
CA LEU A 5 9.66 -15.02 20.70
C LEU A 5 10.95 -15.08 19.90
N LYS A 6 11.96 -15.70 20.51
CA LYS A 6 13.31 -15.79 19.92
C LYS A 6 13.52 -17.19 19.37
N MET A 7 14.28 -17.26 18.29
CA MET A 7 14.55 -18.50 17.58
C MET A 7 14.89 -19.62 18.56
N GLY A 8 14.37 -20.81 18.28
CA GLY A 8 14.45 -21.96 19.19
C GLY A 8 13.12 -22.23 19.87
N ASP A 9 12.30 -21.22 20.12
CA ASP A 9 10.90 -21.42 20.59
C ASP A 9 10.08 -22.20 19.54
N GLU A 10 9.38 -23.27 19.95
CA GLU A 10 8.75 -24.22 18.97
C GLU A 10 7.50 -23.59 18.35
N ARG A 11 6.96 -22.52 18.96
CA ARG A 11 5.86 -21.70 18.41
C ARG A 11 6.27 -21.01 17.11
N LEU A 12 7.56 -20.82 16.85
CA LEU A 12 7.95 -20.12 15.60
C LEU A 12 8.02 -21.14 14.48
N LEU A 13 7.85 -22.41 14.82
CA LEU A 13 7.93 -23.52 13.84
C LEU A 13 6.55 -23.95 13.36
N ARG A 14 5.48 -23.47 13.99
CA ARG A 14 4.11 -23.82 13.54
C ARG A 14 3.90 -23.43 12.06
N ILE A 15 3.08 -24.23 11.39
CA ILE A 15 2.31 -23.79 10.19
C ILE A 15 1.08 -23.05 10.70
N ALA A 16 1.06 -21.72 10.55
CA ALA A 16 0.01 -20.86 11.14
C ALA A 16 -1.39 -21.18 10.61
N GLN A 17 -2.38 -20.91 11.47
CA GLN A 17 -3.82 -21.09 11.14
C GLN A 17 -4.30 -19.90 10.31
N PRO A 18 -5.17 -20.13 9.30
CA PRO A 18 -5.79 -19.03 8.57
C PRO A 18 -6.62 -18.21 9.54
N VAL A 19 -6.68 -16.90 9.31
CA VAL A 19 -7.61 -16.06 10.11
C VAL A 19 -9.00 -16.47 9.68
N PRO A 20 -9.91 -16.76 10.63
CA PRO A 20 -11.31 -17.03 10.29
C PRO A 20 -12.09 -15.83 9.70
N SER A 21 -12.81 -16.07 8.62
CA SER A 21 -13.73 -15.06 8.02
C SER A 21 -14.47 -14.31 9.14
N GLU A 22 -14.88 -15.03 10.19
CA GLU A 22 -15.71 -14.48 11.30
C GLU A 22 -15.01 -13.29 11.99
N LEU A 23 -13.69 -13.27 12.08
CA LEU A 23 -12.99 -12.17 12.83
C LEU A 23 -12.68 -10.98 11.93
N LEU A 24 -12.88 -11.13 10.62
CA LEU A 24 -12.62 -10.02 9.67
C LEU A 24 -13.40 -8.81 10.13
N GLY A 25 -12.70 -7.72 10.45
CA GLY A 25 -13.35 -6.47 10.82
C GLY A 25 -13.73 -6.46 12.28
N SER A 26 -13.40 -7.52 13.02
CA SER A 26 -13.75 -7.65 14.46
C SER A 26 -12.79 -6.79 15.29
N GLU A 27 -13.22 -6.41 16.50
CA GLU A 27 -12.48 -5.57 17.47
C GLU A 27 -11.20 -6.28 17.92
N GLU A 28 -11.37 -7.54 18.32
CA GLU A 28 -10.28 -8.46 18.70
C GLU A 28 -9.21 -8.43 17.61
N LEU A 29 -9.60 -8.55 16.34
CA LEU A 29 -8.61 -8.49 15.24
C LEU A 29 -7.93 -7.12 15.26
N GLN A 30 -8.67 -6.03 15.52
CA GLN A 30 -8.05 -4.68 15.60
C GLN A 30 -7.03 -4.61 16.76
N ARG A 31 -7.35 -5.03 17.99
CA ARG A 31 -6.40 -4.92 19.14
C ARG A 31 -5.07 -5.56 18.72
N LEU A 32 -5.14 -6.76 18.15
CA LEU A 32 -3.97 -7.59 17.75
C LEU A 32 -3.12 -6.74 16.80
N ILE A 33 -3.76 -6.14 15.79
CA ILE A 33 -3.08 -5.33 14.74
C ILE A 33 -2.37 -4.16 15.42
N ASP A 34 -3.03 -3.53 16.39
CA ASP A 34 -2.52 -2.32 17.08
C ASP A 34 -1.26 -2.69 17.88
N ASP A 35 -1.38 -3.74 18.68
CA ASP A 35 -0.25 -4.33 19.43
C ASP A 35 0.91 -4.64 18.46
N MET A 36 0.61 -5.34 17.37
CA MET A 36 1.65 -5.71 16.39
C MET A 36 2.36 -4.46 15.85
N PHE A 37 1.62 -3.43 15.46
CA PHE A 37 2.27 -2.17 14.99
C PHE A 37 3.09 -1.56 16.14
N GLU A 38 2.53 -1.50 17.34
CA GLU A 38 3.18 -0.76 18.46
C GLU A 38 4.51 -1.46 18.77
N THR A 39 4.45 -2.79 18.83
CA THR A 39 5.58 -3.70 19.10
C THR A 39 6.65 -3.57 18.00
N MET A 40 6.22 -3.45 16.75
CA MET A 40 7.16 -3.37 15.60
C MET A 40 7.76 -1.98 15.53
N HIS A 41 6.99 -0.94 15.81
CA HIS A 41 7.51 0.47 15.82
C HIS A 41 8.55 0.60 16.95
N HIS A 42 8.35 -0.09 18.08
CA HIS A 42 9.13 0.12 19.34
C HIS A 42 10.52 -0.49 19.20
N VAL A 43 10.61 -1.68 18.62
CA VAL A 43 11.89 -2.40 18.37
C VAL A 43 12.44 -2.02 16.98
N GLY A 44 11.79 -1.08 16.28
CA GLY A 44 12.30 -0.48 15.03
C GLY A 44 12.40 -1.45 13.86
N GLY A 45 11.61 -2.54 13.82
CA GLY A 45 11.62 -3.52 12.71
C GLY A 45 10.85 -3.05 11.47
N VAL A 46 11.17 -3.63 10.32
CA VAL A 46 10.44 -3.37 9.04
C VAL A 46 9.20 -4.27 8.88
N GLY A 47 9.03 -5.33 9.67
CA GLY A 47 7.92 -6.29 9.48
C GLY A 47 7.76 -7.17 10.70
N LEU A 48 6.65 -7.89 10.79
CA LEU A 48 6.31 -8.73 11.97
C LEU A 48 5.18 -9.70 11.63
N ALA A 49 5.37 -10.97 11.98
CA ALA A 49 4.36 -12.03 11.79
C ALA A 49 3.69 -12.25 13.16
N ALA A 50 2.39 -12.55 13.18
CA ALA A 50 1.64 -12.80 14.44
C ALA A 50 2.25 -13.97 15.22
N PRO A 51 2.76 -15.02 14.54
CA PRO A 51 3.42 -16.11 15.26
C PRO A 51 4.65 -15.68 16.07
N GLN A 52 5.29 -14.57 15.69
CA GLN A 52 6.50 -14.06 16.38
C GLN A 52 6.11 -13.53 17.75
N ILE A 53 4.86 -13.14 17.94
CA ILE A 53 4.36 -12.85 19.31
C ILE A 53 3.53 -14.03 19.81
N GLY A 54 3.64 -15.19 19.18
CA GLY A 54 3.05 -16.44 19.72
C GLY A 54 1.56 -16.51 19.47
N VAL A 55 1.10 -15.79 18.44
CA VAL A 55 -0.32 -15.84 18.00
C VAL A 55 -0.38 -16.64 16.69
N ASP A 56 -1.10 -17.75 16.73
CA ASP A 56 -1.03 -18.78 15.65
C ASP A 56 -1.97 -18.44 14.48
N LEU A 57 -1.77 -17.28 13.81
CA LEU A 57 -2.69 -16.73 12.76
C LEU A 57 -1.92 -16.30 11.49
N GLN A 58 -2.46 -16.51 10.28
CA GLN A 58 -1.80 -16.03 9.03
C GLN A 58 -2.03 -14.52 8.94
N LEU A 59 -1.21 -13.78 9.67
CA LEU A 59 -1.35 -12.31 9.77
C LEU A 59 0.06 -11.74 9.86
N VAL A 60 0.40 -10.88 8.90
CA VAL A 60 1.70 -10.17 8.96
C VAL A 60 1.46 -8.70 8.72
N ILE A 61 2.35 -7.88 9.23
CA ILE A 61 2.34 -6.43 8.95
C ILE A 61 3.71 -6.10 8.39
N PHE A 62 3.78 -5.10 7.54
CA PHE A 62 5.10 -4.55 7.14
C PHE A 62 4.92 -3.17 6.55
N GLY A 63 6.00 -2.40 6.40
CA GLY A 63 5.95 -1.02 5.90
C GLY A 63 7.16 -0.20 6.32
N PHE A 64 7.93 0.28 5.33
CA PHE A 64 9.20 1.04 5.52
C PHE A 64 9.17 2.31 4.67
N GLU A 65 9.39 3.48 5.28
CA GLU A 65 9.45 4.76 4.53
C GLU A 65 10.03 5.90 5.39
N ARG A 66 11.30 6.28 5.17
CA ARG A 66 11.95 7.46 5.83
C ARG A 66 13.10 8.02 4.97
N SER A 67 13.71 9.12 5.45
CA SER A 67 14.68 9.99 4.72
C SER A 67 15.76 9.17 3.99
N GLU A 68 15.70 9.13 2.66
CA GLU A 68 16.61 8.28 1.84
C GLU A 68 16.44 8.60 0.35
N PRO A 74 14.42 3.11 -0.18
CA PRO A 74 13.58 2.12 -0.86
C PRO A 74 12.33 1.85 -0.02
N ALA A 75 11.27 2.61 -0.28
CA ALA A 75 10.08 2.65 0.59
C ALA A 75 9.21 1.44 0.32
N VAL A 76 8.41 1.09 1.32
CA VAL A 76 7.48 -0.07 1.24
C VAL A 76 6.23 0.36 1.98
N PRO A 77 5.04 0.21 1.37
CA PRO A 77 3.85 0.83 1.93
C PRO A 77 3.41 0.07 3.16
N PRO A 78 2.94 0.76 4.22
CA PRO A 78 2.35 0.10 5.38
C PRO A 78 1.17 -0.78 4.96
N THR A 79 1.29 -2.07 5.26
CA THR A 79 0.35 -3.09 4.77
C THR A 79 0.07 -4.09 5.89
N ILE A 80 -1.17 -4.53 5.93
CA ILE A 80 -1.65 -5.60 6.83
C ILE A 80 -2.22 -6.65 5.95
N LEU A 81 -1.53 -7.76 5.85
CA LEU A 81 -1.89 -8.84 4.93
C LEU A 81 -2.31 -10.05 5.73
N LEU A 82 -3.51 -10.57 5.47
CA LEU A 82 -4.00 -11.80 6.13
C LEU A 82 -4.09 -12.90 5.09
N ASN A 83 -3.91 -14.14 5.52
CA ASN A 83 -4.16 -15.34 4.70
C ASN A 83 -3.42 -15.26 3.38
N PRO A 84 -2.13 -14.87 3.38
CA PRO A 84 -1.42 -14.56 2.14
C PRO A 84 -1.05 -15.76 1.28
N ARG A 85 -0.74 -15.45 0.03
CA ARG A 85 -0.34 -16.50 -0.93
C ARG A 85 0.56 -15.82 -1.94
N ILE A 86 1.74 -16.40 -2.18
CA ILE A 86 2.80 -15.74 -2.97
C ILE A 86 2.95 -16.57 -4.22
N THR A 87 3.14 -15.90 -5.35
CA THR A 87 3.44 -16.55 -6.65
C THR A 87 4.65 -15.85 -7.24
N PRO A 88 5.77 -16.56 -7.41
CA PRO A 88 6.93 -15.99 -8.08
C PRO A 88 6.56 -15.76 -9.54
N LEU A 89 6.99 -14.64 -10.12
CA LEU A 89 6.62 -14.26 -11.51
C LEU A 89 7.67 -14.72 -12.52
N ASP A 90 8.84 -15.15 -12.06
CA ASP A 90 9.94 -15.56 -12.95
C ASP A 90 10.99 -16.21 -12.06
N ASP A 91 11.99 -16.77 -12.69
CA ASP A 91 12.98 -17.61 -11.99
C ASP A 91 14.11 -16.74 -11.41
N GLU A 92 14.08 -15.42 -11.56
CA GLU A 92 15.26 -14.59 -11.18
C GLU A 92 15.31 -14.37 -9.68
N MET A 93 16.50 -14.61 -9.14
CA MET A 93 16.80 -14.56 -7.70
C MET A 93 17.72 -13.39 -7.44
N GLU A 94 17.59 -12.86 -6.25
CA GLU A 94 18.43 -11.72 -5.85
C GLU A 94 18.80 -11.95 -4.40
N GLU A 95 20.10 -11.90 -4.12
CA GLU A 95 20.64 -12.00 -2.75
C GLU A 95 20.49 -10.65 -2.09
N GLY A 96 20.16 -10.61 -0.80
CA GLY A 96 20.26 -9.37 -0.03
C GLY A 96 20.28 -9.64 1.45
N TRP A 97 20.70 -8.63 2.21
CA TRP A 97 20.86 -8.70 3.67
C TRP A 97 19.52 -8.79 4.36
N GLU A 98 19.41 -9.70 5.32
CA GLU A 98 18.22 -9.77 6.18
C GLU A 98 18.63 -9.87 7.64
N GLY A 99 17.80 -9.30 8.50
CA GLY A 99 17.76 -9.60 9.94
C GLY A 99 16.32 -9.86 10.35
N CYS A 100 16.07 -9.93 11.64
CA CYS A 100 14.76 -10.40 12.17
C CYS A 100 14.80 -10.25 13.69
N LEU A 101 13.68 -9.87 14.28
CA LEU A 101 13.63 -9.57 15.74
C LEU A 101 13.61 -10.89 16.53
N SER A 102 13.23 -11.99 15.91
CA SER A 102 13.33 -13.33 16.53
C SER A 102 14.75 -13.92 16.46
N VAL A 103 15.67 -13.22 15.78
CA VAL A 103 17.12 -13.60 15.67
C VAL A 103 17.97 -12.36 15.98
N PRO A 104 17.89 -11.82 17.21
CA PRO A 104 18.59 -10.60 17.57
C PRO A 104 20.12 -10.75 17.53
N GLY A 105 20.80 -9.70 17.09
CA GLY A 105 22.27 -9.64 17.08
C GLY A 105 22.83 -10.08 15.74
N LEU A 106 22.02 -10.60 14.81
CA LEU A 106 22.57 -11.26 13.60
C LEU A 106 22.11 -10.61 12.31
N ARG A 107 22.88 -10.85 11.25
CA ARG A 107 22.42 -10.64 9.87
C ARG A 107 22.82 -11.81 8.98
N GLY A 108 22.08 -12.01 7.89
CA GLY A 108 22.45 -12.99 6.87
C GLY A 108 22.01 -12.54 5.50
N ALA A 109 22.83 -12.84 4.51
CA ALA A 109 22.47 -12.76 3.08
C ALA A 109 21.63 -13.99 2.68
N VAL A 110 20.49 -13.70 2.07
CA VAL A 110 19.48 -14.69 1.63
C VAL A 110 19.14 -14.35 0.21
N SER A 111 18.99 -15.37 -0.60
CA SER A 111 18.64 -15.16 -2.01
C SER A 111 17.14 -15.43 -2.11
N ARG A 112 16.40 -14.49 -2.68
CA ARG A 112 14.92 -14.57 -2.72
C ARG A 112 14.52 -14.33 -4.16
N HIS A 113 13.29 -14.68 -4.49
CA HIS A 113 12.72 -14.28 -5.80
C HIS A 113 12.69 -12.76 -5.89
N ARG A 114 13.15 -12.28 -7.03
CA ARG A 114 13.20 -10.82 -7.27
C ARG A 114 11.80 -10.29 -7.55
N ARG A 115 10.93 -11.08 -8.20
CA ARG A 115 9.58 -10.59 -8.59
C ARG A 115 8.53 -11.55 -8.09
N ILE A 116 7.59 -11.03 -7.30
CA ILE A 116 6.42 -11.84 -6.85
C ILE A 116 5.12 -11.09 -7.10
N ARG A 117 4.07 -11.91 -7.18
CA ARG A 117 2.68 -11.49 -6.94
C ARG A 117 2.35 -11.94 -5.52
N TYR A 118 1.69 -11.12 -4.75
CA TYR A 118 1.07 -11.64 -3.52
C TYR A 118 -0.41 -11.31 -3.47
N GLN A 119 -1.15 -12.20 -2.83
CA GLN A 119 -2.60 -12.04 -2.61
C GLN A 119 -2.93 -12.43 -1.18
N GLY A 120 -4.02 -11.88 -0.66
CA GLY A 120 -4.49 -12.14 0.71
C GLY A 120 -5.70 -11.29 1.00
N LEU A 121 -6.02 -11.07 2.26
CA LEU A 121 -7.14 -10.16 2.60
C LEU A 121 -6.58 -9.06 3.50
N ASP A 122 -7.17 -7.87 3.45
CA ASP A 122 -6.90 -6.82 4.48
C ASP A 122 -7.77 -7.15 5.68
N PRO A 123 -7.69 -6.39 6.80
CA PRO A 123 -8.40 -6.79 8.01
C PRO A 123 -9.94 -6.68 7.89
N GLN A 124 -10.44 -5.95 6.89
CA GLN A 124 -11.92 -5.90 6.67
C GLN A 124 -12.32 -6.93 5.63
N GLY A 125 -11.45 -7.86 5.23
CA GLY A 125 -11.81 -8.91 4.25
C GLY A 125 -11.73 -8.49 2.79
N GLN A 126 -11.20 -7.31 2.46
CA GLN A 126 -11.10 -6.89 1.04
C GLN A 126 -9.87 -7.56 0.43
N PRO A 127 -9.98 -8.15 -0.77
CA PRO A 127 -8.83 -8.84 -1.35
C PRO A 127 -7.67 -7.89 -1.63
N ILE A 128 -6.43 -8.37 -1.41
CA ILE A 128 -5.19 -7.70 -1.87
C ILE A 128 -4.66 -8.52 -3.03
N ASP A 129 -4.03 -7.85 -3.99
CA ASP A 129 -3.43 -8.52 -5.16
C ASP A 129 -2.48 -7.53 -5.83
N ARG A 130 -1.19 -7.65 -5.52
CA ARG A 130 -0.11 -6.75 -5.97
C ARG A 130 1.02 -7.55 -6.61
N SER A 131 1.67 -6.96 -7.60
CA SER A 131 2.92 -7.49 -8.19
C SER A 131 4.05 -6.53 -7.85
N VAL A 132 5.11 -7.02 -7.21
CA VAL A 132 6.19 -6.20 -6.61
C VAL A 132 7.53 -6.82 -6.94
N GLU A 133 8.59 -6.02 -6.78
CA GLU A 133 9.96 -6.49 -7.05
C GLU A 133 10.92 -5.95 -5.98
N GLY A 134 12.14 -6.50 -5.98
CA GLY A 134 13.28 -6.03 -5.16
C GLY A 134 12.92 -6.06 -3.68
N PHE A 135 13.14 -4.98 -2.98
CA PHE A 135 13.01 -4.98 -1.49
C PHE A 135 11.59 -5.33 -1.02
N HIS A 136 10.57 -4.70 -1.61
CA HIS A 136 9.16 -4.98 -1.28
C HIS A 136 8.92 -6.48 -1.41
N ALA A 137 9.37 -7.10 -2.50
CA ALA A 137 9.17 -8.54 -2.72
C ALA A 137 9.87 -9.33 -1.62
N ARG A 138 11.07 -8.88 -1.23
CA ARG A 138 11.91 -9.55 -0.21
C ARG A 138 11.16 -9.58 1.13
N VAL A 139 10.59 -8.46 1.53
CA VAL A 139 9.99 -8.33 2.89
C VAL A 139 8.81 -9.28 3.00
N VAL A 140 8.02 -9.36 1.94
CA VAL A 140 6.78 -10.16 1.91
C VAL A 140 7.14 -11.64 2.00
N GLN A 141 8.12 -12.08 1.19
CA GLN A 141 8.70 -13.45 1.24
C GLN A 141 9.18 -13.77 2.66
N HIS A 142 9.93 -12.84 3.25
CA HIS A 142 10.47 -13.01 4.62
C HIS A 142 9.32 -13.24 5.62
N GLU A 143 8.25 -12.45 5.57
CA GLU A 143 7.19 -12.47 6.61
C GLU A 143 6.30 -13.68 6.41
N CYS A 144 6.02 -14.01 5.16
CA CYS A 144 5.23 -15.21 4.82
C CYS A 144 5.99 -16.46 5.22
N ASP A 145 7.33 -16.45 5.23
CA ASP A 145 8.10 -17.61 5.75
C ASP A 145 7.71 -17.90 7.20
N HIS A 146 7.56 -16.89 8.04
CA HIS A 146 7.13 -17.10 9.46
C HIS A 146 5.86 -17.92 9.59
N LEU A 147 4.95 -17.78 8.62
CA LEU A 147 3.62 -18.44 8.68
C LEU A 147 3.77 -19.91 8.30
N ILE A 148 4.88 -20.30 7.65
CA ILE A 148 5.19 -21.74 7.40
C ILE A 148 6.36 -22.18 8.30
N GLY A 149 6.63 -21.44 9.38
CA GLY A 149 7.63 -21.74 10.42
C GLY A 149 9.06 -21.77 9.92
N ARG A 150 9.38 -20.99 8.89
CA ARG A 150 10.75 -20.82 8.38
C ARG A 150 11.32 -19.50 8.87
N LEU A 151 12.45 -19.53 9.57
CA LEU A 151 13.25 -18.31 9.78
C LEU A 151 14.38 -18.31 8.74
N TYR A 152 15.02 -17.15 8.59
CA TYR A 152 15.86 -16.86 7.40
C TYR A 152 17.16 -17.68 7.41
N PRO A 153 17.71 -18.09 8.57
CA PRO A 153 18.87 -18.97 8.55
C PRO A 153 18.63 -20.28 7.79
N SER A 154 17.42 -20.85 7.93
CA SER A 154 17.00 -22.04 7.15
C SER A 154 16.95 -21.71 5.65
N ARG A 155 17.07 -20.45 5.25
CA ARG A 155 17.04 -20.10 3.80
C ARG A 155 18.43 -19.79 3.26
N ILE A 156 19.40 -19.51 4.14
CA ILE A 156 20.78 -19.11 3.75
C ILE A 156 21.40 -20.22 2.92
N THR A 157 21.95 -19.86 1.77
CA THR A 157 22.82 -20.75 0.96
C THR A 157 24.31 -20.44 1.13
N ASP A 158 24.72 -19.22 1.47
CA ASP A 158 26.16 -18.86 1.59
C ASP A 158 26.47 -18.40 3.01
N PHE A 159 27.03 -19.30 3.83
CA PHE A 159 27.19 -19.04 5.28
C PHE A 159 28.40 -18.13 5.52
N SER A 160 29.16 -17.87 4.47
CA SER A 160 30.22 -16.85 4.57
C SER A 160 29.58 -15.51 4.90
N LYS A 161 28.30 -15.28 4.60
CA LYS A 161 27.64 -13.98 4.83
C LYS A 161 26.60 -14.02 5.97
N PHE A 162 26.74 -14.97 6.87
CA PHE A 162 25.91 -15.06 8.08
C PHE A 162 26.80 -14.72 9.26
N GLY A 163 26.42 -13.73 10.06
CA GLY A 163 27.20 -13.39 11.25
C GLY A 163 26.52 -12.41 12.18
N PHE A 164 27.24 -12.06 13.22
CA PHE A 164 26.81 -10.99 14.16
C PHE A 164 26.98 -9.64 13.50
N THR A 165 26.01 -8.79 13.74
CA THR A 165 25.79 -7.48 13.09
C THR A 165 26.98 -6.55 13.32
N GLU A 166 27.37 -6.35 14.58
CA GLU A 166 28.56 -5.52 14.92
C GLU A 166 29.82 -6.02 14.19
N VAL A 167 29.98 -7.33 13.95
CA VAL A 167 31.17 -7.89 13.25
C VAL A 167 31.04 -7.64 11.74
N LEU A 168 29.87 -7.93 11.15
CA LEU A 168 29.66 -7.71 9.70
C LEU A 168 29.59 -6.20 9.41
N PHE A 169 28.94 -5.44 10.28
CA PHE A 169 28.78 -3.98 10.10
C PHE A 169 29.30 -3.25 11.33
N PRO A 170 30.58 -2.81 11.28
CA PRO A 170 31.14 -2.01 12.36
C PRO A 170 30.31 -0.74 12.68
N ASP A 171 29.58 -0.22 11.69
CA ASP A 171 28.87 1.08 11.78
C ASP A 171 27.40 0.87 11.40
N ILE B 1 0.33 23.92 2.60
CA ILE B 1 -1.11 24.01 2.19
C ILE B 1 -1.23 24.85 0.91
N ARG B 2 -1.67 24.23 -0.18
CA ARG B 2 -2.00 24.90 -1.44
C ARG B 2 -3.52 25.14 -1.45
N GLU B 3 -4.00 26.01 -2.34
CA GLU B 3 -5.45 26.27 -2.42
C GLU B 3 -6.02 25.37 -3.49
N ILE B 4 -7.15 24.75 -3.17
CA ILE B 4 -7.83 23.77 -4.05
C ILE B 4 -8.66 24.50 -5.09
N LEU B 5 -8.33 24.25 -6.35
CA LEU B 5 -9.09 24.85 -7.46
C LEU B 5 -10.50 24.28 -7.49
N LYS B 6 -11.41 25.16 -7.88
CA LYS B 6 -12.86 24.88 -7.95
C LYS B 6 -13.31 24.68 -9.39
N MET B 7 -14.31 23.81 -9.55
CA MET B 7 -14.88 23.50 -10.87
C MET B 7 -15.29 24.79 -11.59
N GLY B 8 -14.96 24.82 -12.88
CA GLY B 8 -14.86 26.05 -13.65
C GLY B 8 -13.43 26.40 -14.01
N ASP B 9 -12.44 26.14 -13.14
CA ASP B 9 -11.04 26.59 -13.42
C ASP B 9 -10.50 25.80 -14.62
N GLU B 10 -9.90 26.50 -15.59
CA GLU B 10 -9.47 25.89 -16.87
C GLU B 10 -8.35 24.87 -16.60
N ARG B 11 -7.67 24.95 -15.46
CA ARG B 11 -6.53 24.05 -15.11
C ARG B 11 -7.02 22.70 -14.57
N LEU B 12 -8.27 22.61 -14.13
CA LEU B 12 -8.92 21.30 -13.83
C LEU B 12 -9.30 20.57 -15.11
N LEU B 13 -9.20 21.23 -16.26
CA LEU B 13 -9.65 20.63 -17.54
C LEU B 13 -8.46 20.30 -18.45
N ARG B 14 -7.24 20.69 -18.09
CA ARG B 14 -6.02 20.26 -18.85
C ARG B 14 -5.84 18.74 -18.71
N ILE B 15 -5.30 18.07 -19.73
CA ILE B 15 -4.63 16.74 -19.54
C ILE B 15 -3.28 17.00 -18.86
N ALA B 16 -3.00 16.32 -17.75
CA ALA B 16 -1.72 16.46 -17.02
C ALA B 16 -0.55 15.80 -17.74
N GLN B 17 0.60 16.44 -17.59
CA GLN B 17 1.90 15.92 -18.03
C GLN B 17 2.41 14.90 -17.04
N PRO B 18 3.07 13.86 -17.57
CA PRO B 18 3.83 12.90 -16.79
C PRO B 18 4.91 13.53 -15.91
N VAL B 19 5.11 12.92 -14.76
CA VAL B 19 6.30 13.16 -13.93
C VAL B 19 7.51 12.75 -14.76
N PRO B 20 8.43 13.69 -15.03
CA PRO B 20 9.62 13.35 -15.80
C PRO B 20 10.59 12.56 -14.91
N SER B 21 11.40 11.73 -15.56
CA SER B 21 12.31 10.78 -14.87
C SER B 21 13.18 11.53 -13.86
N GLU B 22 13.67 12.73 -14.20
CA GLU B 22 14.61 13.52 -13.35
C GLU B 22 13.98 13.88 -12.00
N LEU B 23 12.68 14.07 -11.92
CA LEU B 23 12.02 14.41 -10.62
C LEU B 23 11.91 13.16 -9.73
N LEU B 24 12.08 11.95 -10.27
CA LEU B 24 11.86 10.72 -9.44
C LEU B 24 12.85 10.70 -8.27
N GLY B 25 12.35 10.40 -7.07
CA GLY B 25 13.16 10.35 -5.83
C GLY B 25 13.75 11.70 -5.43
N SER B 26 13.33 12.77 -6.09
CA SER B 26 13.93 14.11 -5.94
C SER B 26 13.34 14.76 -4.70
N GLU B 27 14.10 15.70 -4.12
CA GLU B 27 13.61 16.55 -3.04
C GLU B 27 12.45 17.38 -3.56
N GLU B 28 12.48 17.84 -4.81
CA GLU B 28 11.41 18.75 -5.31
C GLU B 28 10.07 18.00 -5.31
N LEU B 29 10.09 16.73 -5.66
CA LEU B 29 8.85 15.94 -5.75
C LEU B 29 8.31 15.71 -4.35
N GLN B 30 9.18 15.22 -3.48
CA GLN B 30 8.85 14.99 -2.06
C GLN B 30 8.14 16.22 -1.49
N ARG B 31 8.55 17.44 -1.88
CA ARG B 31 7.96 18.68 -1.29
C ARG B 31 6.57 18.92 -1.88
N LEU B 32 6.39 18.59 -3.15
CA LEU B 32 5.03 18.57 -3.77
C LEU B 32 4.17 17.57 -2.99
N ILE B 33 4.70 16.37 -2.73
CA ILE B 33 3.94 15.27 -2.06
C ILE B 33 3.49 15.73 -0.67
N ASP B 34 4.34 16.41 0.08
CA ASP B 34 3.98 16.71 1.50
C ASP B 34 3.08 17.94 1.47
N ASP B 35 3.27 18.82 0.49
CA ASP B 35 2.27 19.89 0.24
C ASP B 35 0.90 19.23 -0.02
N MET B 36 0.83 18.14 -0.79
CA MET B 36 -0.49 17.56 -1.16
C MET B 36 -1.11 16.85 0.05
N PHE B 37 -0.34 16.06 0.79
CA PHE B 37 -0.84 15.33 1.98
C PHE B 37 -1.35 16.34 3.01
N GLU B 38 -0.52 17.35 3.30
CA GLU B 38 -0.86 18.47 4.20
C GLU B 38 -2.21 19.05 3.77
N THR B 39 -2.32 19.49 2.52
CA THR B 39 -3.58 20.07 1.96
C THR B 39 -4.74 19.07 2.09
N MET B 40 -4.56 17.81 1.68
CA MET B 40 -5.66 16.81 1.69
C MET B 40 -6.06 16.49 3.14
N HIS B 41 -5.06 16.37 4.02
CA HIS B 41 -5.25 16.21 5.49
C HIS B 41 -6.09 17.37 6.05
N HIS B 42 -5.75 18.63 5.74
CA HIS B 42 -6.41 19.86 6.27
C HIS B 42 -7.92 19.81 6.02
N VAL B 43 -8.34 19.59 4.77
CA VAL B 43 -9.77 19.64 4.37
C VAL B 43 -10.43 18.27 4.57
N GLY B 44 -9.73 17.28 5.15
CA GLY B 44 -10.33 15.95 5.43
C GLY B 44 -10.66 15.20 4.15
N GLY B 45 -9.89 15.38 3.07
CA GLY B 45 -10.12 14.65 1.81
C GLY B 45 -9.64 13.21 1.87
N VAL B 46 -10.29 12.32 1.14
CA VAL B 46 -9.81 10.92 0.98
C VAL B 46 -8.87 10.83 -0.23
N GLY B 47 -8.85 11.84 -1.10
CA GLY B 47 -8.03 11.79 -2.32
C GLY B 47 -7.62 13.18 -2.76
N LEU B 48 -6.58 13.28 -3.58
CA LEU B 48 -6.22 14.56 -4.22
C LEU B 48 -5.27 14.30 -5.38
N ALA B 49 -5.45 15.07 -6.45
CA ALA B 49 -4.63 14.99 -7.69
C ALA B 49 -3.87 16.31 -7.85
N ALA B 50 -2.63 16.26 -8.33
CA ALA B 50 -1.76 17.46 -8.49
C ALA B 50 -2.50 18.60 -9.18
N PRO B 51 -3.29 18.36 -10.25
CA PRO B 51 -4.00 19.47 -10.90
C PRO B 51 -4.97 20.25 -9.99
N GLN B 52 -5.52 19.64 -8.96
CA GLN B 52 -6.44 20.35 -8.04
C GLN B 52 -5.73 21.47 -7.27
N ILE B 53 -4.43 21.40 -7.06
CA ILE B 53 -3.66 22.52 -6.43
C ILE B 53 -2.83 23.26 -7.51
N GLY B 54 -3.07 22.95 -8.77
CA GLY B 54 -2.60 23.74 -9.91
C GLY B 54 -1.26 23.27 -10.38
N VAL B 55 -0.96 22.01 -10.12
CA VAL B 55 0.33 21.46 -10.57
C VAL B 55 -0.01 20.44 -11.65
N ASP B 56 0.55 20.69 -12.82
CA ASP B 56 0.21 20.06 -14.11
C ASP B 56 0.96 18.73 -14.20
N LEU B 57 0.76 17.82 -13.25
CA LEU B 57 1.54 16.57 -13.20
C LEU B 57 0.62 15.38 -12.94
N GLN B 58 1.00 14.25 -13.53
CA GLN B 58 0.32 12.96 -13.30
C GLN B 58 0.76 12.40 -11.95
N LEU B 59 0.10 12.87 -10.91
CA LEU B 59 0.53 12.50 -9.56
C LEU B 59 -0.72 12.57 -8.71
N VAL B 60 -1.17 11.44 -8.17
CA VAL B 60 -2.37 11.45 -7.28
C VAL B 60 -1.93 10.92 -5.93
N ILE B 61 -2.58 11.40 -4.87
CA ILE B 61 -2.52 10.67 -3.57
C ILE B 61 -3.90 10.21 -3.14
N PHE B 62 -3.96 9.15 -2.35
CA PHE B 62 -5.23 8.74 -1.71
C PHE B 62 -5.02 7.79 -0.52
N GLY B 63 -6.11 7.55 0.22
CA GLY B 63 -6.11 6.70 1.42
C GLY B 63 -7.10 7.16 2.46
N PHE B 64 -7.39 6.30 3.45
CA PHE B 64 -7.90 6.65 4.81
C PHE B 64 -8.31 5.38 5.57
N PRO B 74 -14.35 0.34 4.97
CA PRO B 74 -14.07 0.70 3.58
C PRO B 74 -12.72 1.42 3.45
N ALA B 75 -11.67 0.84 4.07
CA ALA B 75 -10.32 1.44 4.24
C ALA B 75 -9.55 1.42 2.91
N VAL B 76 -8.64 2.38 2.70
CA VAL B 76 -7.77 2.39 1.48
C VAL B 76 -6.35 2.70 1.90
N PRO B 77 -5.36 1.91 1.43
CA PRO B 77 -3.99 2.13 1.89
C PRO B 77 -3.49 3.46 1.35
N PRO B 78 -2.92 4.32 2.22
CA PRO B 78 -2.27 5.55 1.81
C PRO B 78 -1.26 5.35 0.68
N THR B 79 -1.56 5.87 -0.48
CA THR B 79 -0.80 5.53 -1.70
C THR B 79 -0.43 6.82 -2.41
N ILE B 80 0.68 6.80 -3.13
CA ILE B 80 1.12 7.95 -3.95
C ILE B 80 1.42 7.36 -5.31
N LEU B 81 0.69 7.82 -6.31
CA LEU B 81 0.68 7.12 -7.60
C LEU B 81 1.02 8.12 -8.68
N LEU B 82 2.06 7.81 -9.42
CA LEU B 82 2.45 8.67 -10.53
C LEU B 82 2.30 7.91 -11.84
N ASN B 83 2.16 8.72 -12.89
CA ASN B 83 2.03 8.30 -14.30
C ASN B 83 1.07 7.12 -14.47
N PRO B 84 -0.17 7.17 -13.94
CA PRO B 84 -0.92 5.92 -13.81
C PRO B 84 -1.50 5.38 -15.12
N ARG B 85 -1.69 4.07 -15.18
CA ARG B 85 -2.55 3.43 -16.22
C ARG B 85 -3.58 2.54 -15.54
N ILE B 86 -4.84 2.74 -15.91
CA ILE B 86 -5.95 1.90 -15.41
C ILE B 86 -6.38 0.97 -16.53
N THR B 87 -6.68 -0.27 -16.17
CA THR B 87 -7.25 -1.27 -17.09
C THR B 87 -8.38 -1.93 -16.35
N PRO B 88 -9.62 -1.82 -16.85
CA PRO B 88 -10.76 -2.40 -16.16
C PRO B 88 -10.63 -3.92 -16.34
N LEU B 89 -10.95 -4.68 -15.32
CA LEU B 89 -10.67 -6.14 -15.35
C LEU B 89 -11.83 -6.87 -16.03
N ASP B 90 -13.06 -6.39 -15.82
CA ASP B 90 -14.26 -6.78 -16.61
C ASP B 90 -15.13 -5.56 -16.92
N ASP B 91 -16.24 -5.79 -17.64
CA ASP B 91 -17.24 -4.75 -18.00
C ASP B 91 -18.09 -4.35 -16.77
N GLU B 92 -18.24 -5.22 -15.77
CA GLU B 92 -19.17 -4.96 -14.64
C GLU B 92 -18.89 -3.60 -13.99
N MET B 93 -19.95 -2.80 -13.79
CA MET B 93 -19.95 -1.44 -13.16
C MET B 93 -20.75 -1.46 -11.85
N GLU B 94 -20.48 -0.51 -10.98
CA GLU B 94 -21.20 -0.32 -9.69
C GLU B 94 -21.48 1.16 -9.52
N GLU B 95 -22.62 1.53 -8.93
CA GLU B 95 -22.94 2.96 -8.71
C GLU B 95 -22.60 3.29 -7.28
N GLY B 96 -22.01 4.46 -7.05
CA GLY B 96 -21.84 4.91 -5.65
C GLY B 96 -21.82 6.40 -5.55
N TRP B 97 -21.96 6.89 -4.33
CA TRP B 97 -21.77 8.34 -4.05
C TRP B 97 -20.34 8.79 -4.35
N GLU B 98 -20.22 10.02 -4.81
CA GLU B 98 -18.91 10.68 -4.90
C GLU B 98 -19.12 12.15 -4.60
N GLY B 99 -18.15 12.73 -3.95
CA GLY B 99 -18.05 14.19 -3.82
C GLY B 99 -16.65 14.54 -4.20
N CYS B 100 -16.30 15.81 -4.11
CA CYS B 100 -15.00 16.27 -4.60
C CYS B 100 -14.75 17.61 -3.97
N LEU B 101 -13.52 17.76 -3.49
CA LEU B 101 -12.98 19.01 -2.92
C LEU B 101 -13.16 20.15 -3.93
N SER B 102 -12.97 19.91 -5.23
CA SER B 102 -13.13 20.96 -6.27
C SER B 102 -14.61 21.28 -6.56
N VAL B 103 -15.54 20.42 -6.11
CA VAL B 103 -17.00 20.58 -6.38
C VAL B 103 -17.74 20.70 -5.04
N PRO B 104 -17.43 21.75 -4.27
CA PRO B 104 -17.89 21.83 -2.89
C PRO B 104 -19.41 21.81 -2.78
N GLY B 105 -19.93 21.05 -1.82
CA GLY B 105 -21.34 21.14 -1.40
C GLY B 105 -22.28 20.37 -2.31
N LEU B 106 -21.74 19.50 -3.16
CA LEU B 106 -22.55 18.61 -4.04
C LEU B 106 -22.15 17.15 -3.84
N ARG B 107 -23.05 16.26 -4.21
CA ARG B 107 -22.78 14.81 -4.27
C ARG B 107 -23.52 14.25 -5.47
N GLY B 108 -22.99 13.19 -6.04
CA GLY B 108 -23.64 12.54 -7.18
C GLY B 108 -23.31 11.07 -7.20
N ALA B 109 -24.27 10.27 -7.63
CA ALA B 109 -24.04 8.85 -7.93
C ALA B 109 -23.30 8.74 -9.26
N VAL B 110 -22.23 7.95 -9.27
CA VAL B 110 -21.45 7.64 -10.48
C VAL B 110 -21.30 6.13 -10.57
N SER B 111 -21.36 5.65 -11.78
CA SER B 111 -21.16 4.23 -12.09
C SER B 111 -19.73 4.14 -12.59
N ARG B 112 -18.94 3.30 -11.92
CA ARG B 112 -17.52 3.11 -12.25
C ARG B 112 -17.34 1.63 -12.43
N HIS B 113 -16.26 1.25 -13.06
CA HIS B 113 -15.81 -0.16 -13.05
C HIS B 113 -15.68 -0.69 -11.62
N ARG B 114 -16.14 -1.91 -11.42
CA ARG B 114 -16.04 -2.56 -10.08
C ARG B 114 -14.61 -3.03 -9.82
N ARG B 115 -13.91 -3.47 -10.86
CA ARG B 115 -12.62 -4.16 -10.78
C ARG B 115 -11.67 -3.50 -11.76
N ILE B 116 -10.51 -3.10 -11.25
CA ILE B 116 -9.46 -2.53 -12.12
C ILE B 116 -8.14 -3.11 -11.68
N ARG B 117 -7.26 -3.26 -12.65
CA ARG B 117 -5.80 -3.17 -12.42
C ARG B 117 -5.38 -1.72 -12.53
N TYR B 118 -4.51 -1.26 -11.64
CA TYR B 118 -3.82 0.04 -11.88
C TYR B 118 -2.32 -0.14 -11.81
N GLN B 119 -1.63 0.57 -12.68
CA GLN B 119 -0.18 0.49 -12.64
C GLN B 119 0.37 1.91 -12.79
N GLY B 120 1.61 2.10 -12.38
CA GLY B 120 2.23 3.44 -12.44
C GLY B 120 3.55 3.37 -11.74
N LEU B 121 4.00 4.49 -11.17
CA LEU B 121 5.31 4.51 -10.47
C LEU B 121 5.08 5.05 -9.07
N ASP B 122 5.90 4.66 -8.10
CA ASP B 122 5.89 5.36 -6.78
C ASP B 122 6.85 6.55 -6.87
N PRO B 123 6.93 7.40 -5.82
CA PRO B 123 7.83 8.55 -5.84
C PRO B 123 9.29 8.27 -6.17
N GLN B 124 9.79 7.06 -5.87
CA GLN B 124 11.22 6.71 -6.11
C GLN B 124 11.35 5.98 -7.47
N GLY B 125 10.31 5.93 -8.28
CA GLY B 125 10.36 5.24 -9.60
C GLY B 125 10.09 3.74 -9.52
N GLN B 126 9.70 3.20 -8.37
CA GLN B 126 9.41 1.73 -8.30
C GLN B 126 8.07 1.46 -8.98
N PRO B 127 7.95 0.40 -9.83
CA PRO B 127 6.67 0.05 -10.41
C PRO B 127 5.60 -0.31 -9.37
N ILE B 128 4.38 0.20 -9.61
CA ILE B 128 3.15 -0.22 -8.89
C ILE B 128 2.29 -1.00 -9.85
N ASP B 129 1.71 -2.08 -9.35
CA ASP B 129 0.79 -2.90 -10.17
C ASP B 129 -0.16 -3.57 -9.18
N ARG B 130 -1.42 -3.15 -9.12
CA ARG B 130 -2.42 -3.70 -8.17
C ARG B 130 -3.74 -3.92 -8.91
N SER B 131 -4.43 -5.00 -8.55
CA SER B 131 -5.82 -5.24 -8.95
C SER B 131 -6.67 -5.04 -7.70
N VAL B 132 -7.76 -4.34 -7.81
CA VAL B 132 -8.51 -3.90 -6.61
C VAL B 132 -9.94 -3.86 -7.06
N GLU B 133 -10.81 -3.69 -6.09
CA GLU B 133 -12.25 -3.78 -6.35
C GLU B 133 -12.95 -2.82 -5.43
N GLY B 134 -14.18 -2.49 -5.78
CA GLY B 134 -15.05 -1.76 -4.86
C GLY B 134 -14.57 -0.34 -4.70
N PHE B 135 -14.61 0.13 -3.47
CA PHE B 135 -14.31 1.53 -3.13
C PHE B 135 -12.89 1.95 -3.49
N HIS B 136 -11.91 1.07 -3.32
CA HIS B 136 -10.50 1.35 -3.71
C HIS B 136 -10.47 1.55 -5.22
N ALA B 137 -11.17 0.73 -5.99
CA ALA B 137 -11.25 0.87 -7.47
C ALA B 137 -11.97 2.20 -7.79
N ARG B 138 -13.02 2.55 -7.06
CA ARG B 138 -13.76 3.84 -7.27
C ARG B 138 -12.79 5.02 -7.14
N VAL B 139 -12.07 5.09 -6.03
CA VAL B 139 -11.22 6.25 -5.65
C VAL B 139 -10.09 6.40 -6.66
N VAL B 140 -9.55 5.30 -7.17
CA VAL B 140 -8.40 5.40 -8.13
C VAL B 140 -8.91 5.98 -9.45
N GLN B 141 -10.06 5.52 -9.91
CA GLN B 141 -10.77 6.04 -11.11
C GLN B 141 -11.05 7.55 -10.96
N HIS B 142 -11.64 7.95 -9.85
CA HIS B 142 -11.93 9.37 -9.56
C HIS B 142 -10.67 10.23 -9.70
N GLU B 143 -9.57 9.83 -9.05
CA GLU B 143 -8.34 10.63 -9.02
C GLU B 143 -7.69 10.62 -10.40
N CYS B 144 -7.63 9.49 -11.07
CA CYS B 144 -7.03 9.46 -12.44
C CYS B 144 -7.85 10.28 -13.43
N ASP B 145 -9.15 10.44 -13.22
CA ASP B 145 -9.99 11.30 -14.09
C ASP B 145 -9.49 12.74 -14.04
N HIS B 146 -9.11 13.25 -12.87
CA HIS B 146 -8.50 14.61 -12.77
C HIS B 146 -7.28 14.77 -13.70
N LEU B 147 -6.52 13.71 -13.90
CA LEU B 147 -5.31 13.79 -14.75
C LEU B 147 -5.71 13.88 -16.23
N ILE B 148 -6.98 13.57 -16.56
CA ILE B 148 -7.55 13.73 -17.93
C ILE B 148 -8.65 14.80 -17.97
N GLY B 149 -8.63 15.75 -17.03
CA GLY B 149 -9.52 16.92 -17.10
C GLY B 149 -10.97 16.52 -16.91
N ARG B 150 -11.22 15.44 -16.17
CA ARG B 150 -12.60 14.95 -15.94
C ARG B 150 -12.94 15.02 -14.47
N LEU B 151 -13.99 15.76 -14.20
CA LEU B 151 -14.59 15.79 -12.84
C LEU B 151 -15.86 14.95 -12.89
N TYR B 152 -16.35 14.53 -11.73
CA TYR B 152 -17.36 13.46 -11.64
C TYR B 152 -18.71 13.87 -12.27
N PRO B 153 -19.14 15.15 -12.24
CA PRO B 153 -20.34 15.50 -12.99
C PRO B 153 -20.29 15.09 -14.48
N SER B 154 -19.11 15.08 -15.12
CA SER B 154 -19.00 14.68 -16.54
C SER B 154 -19.14 13.16 -16.68
N ARG B 155 -19.29 12.46 -15.57
CA ARG B 155 -19.40 10.99 -15.57
C ARG B 155 -20.80 10.55 -15.14
N ILE B 156 -21.60 11.44 -14.55
CA ILE B 156 -22.99 11.09 -14.13
C ILE B 156 -23.80 10.67 -15.37
N THR B 157 -24.58 9.61 -15.21
CA THR B 157 -25.64 9.18 -16.17
C THR B 157 -27.02 9.22 -15.48
N ASP B 158 -27.10 9.37 -14.17
CA ASP B 158 -28.42 9.45 -13.49
C ASP B 158 -28.50 10.77 -12.74
N PHE B 159 -29.10 11.77 -13.38
CA PHE B 159 -29.10 13.10 -12.76
C PHE B 159 -30.13 13.17 -11.64
N SER B 160 -31.00 12.18 -11.48
CA SER B 160 -31.92 12.12 -10.30
C SER B 160 -31.08 12.18 -9.03
N LYS B 161 -29.88 11.60 -9.08
CA LYS B 161 -29.04 11.41 -7.86
C LYS B 161 -27.99 12.52 -7.70
N PHE B 162 -28.07 13.61 -8.44
CA PHE B 162 -27.05 14.68 -8.35
C PHE B 162 -27.63 15.89 -7.62
N GLY B 163 -27.02 16.34 -6.53
CA GLY B 163 -27.65 17.44 -5.79
C GLY B 163 -26.81 17.97 -4.65
N PHE B 164 -27.31 19.01 -3.99
CA PHE B 164 -26.59 19.70 -2.90
C PHE B 164 -26.63 18.84 -1.65
N THR B 165 -25.52 18.79 -0.92
CA THR B 165 -25.30 17.75 0.12
C THR B 165 -26.25 18.03 1.29
N GLU B 166 -26.20 19.28 1.74
CA GLU B 166 -27.19 19.99 2.60
C GLU B 166 -28.63 19.54 2.30
N VAL B 167 -29.03 19.42 1.02
CA VAL B 167 -30.37 18.85 0.65
C VAL B 167 -30.27 17.33 0.76
N LEU B 168 -29.59 16.68 -0.21
CA LEU B 168 -29.46 15.18 -0.27
C LEU B 168 -28.94 14.68 1.08
#